data_8AFP
#
_entry.id   8AFP
#
_cell.length_a   55.477
_cell.length_b   96.666
_cell.length_c   106.578
_cell.angle_alpha   90.000
_cell.angle_beta   90.000
_cell.angle_gamma   90.000
#
_symmetry.space_group_name_H-M   'C 2 2 21'
#
loop_
_entity.id
_entity.type
_entity.pdbx_description
1 polymer 'Neural cell adhesion molecule L1'
2 non-polymer 2-acetamido-2-deoxy-beta-D-glucopyranose
#
_entity_poly.entity_id   1
_entity_poly.type   'polypeptide(L)'
_entity_poly.pdbx_seq_one_letter_code
;GTAAPEKNPVDVKGEGNETTNMVITWKPLRWMDWNAPQVQYRVQWRPQGTRGPWQEQIVSDPFLVVSNTSTFVPYEIKVQ
AVNSQGKGPEPQVTIGYSGEDYPQAIPELEGIEILNSSAVLVKWRPVDLAQVKGHLRGYNVTYWREGSQRKHSKRHIHKD
HVVVPANTTSVILSGLRPYSSYHLEVQAFNGRGSGPASEFTFSTPEGVELHHHHHH
;
_entity_poly.pdbx_strand_id   A
#
# COMPACT_ATOMS: atom_id res chain seq x y z
N THR A 2 -20.41 -37.26 -12.86
CA THR A 2 -19.37 -36.29 -13.22
C THR A 2 -19.83 -35.29 -14.31
N ALA A 3 -19.49 -34.00 -14.14
CA ALA A 3 -19.91 -32.92 -15.04
C ALA A 3 -18.96 -31.73 -14.88
N ALA A 4 -19.23 -30.65 -15.62
CA ALA A 4 -18.43 -29.44 -15.48
C ALA A 4 -18.36 -28.99 -14.02
N PRO A 5 -17.41 -28.13 -13.65
CA PRO A 5 -17.38 -27.63 -12.28
C PRO A 5 -18.58 -26.73 -12.00
N GLU A 6 -19.02 -26.75 -10.74
CA GLU A 6 -20.27 -26.09 -10.37
C GLU A 6 -20.11 -24.58 -10.33
N LYS A 7 -19.11 -24.09 -9.59
CA LYS A 7 -18.81 -22.68 -9.40
C LYS A 7 -17.35 -22.46 -9.72
N ASN A 8 -16.98 -21.16 -9.88
CA ASN A 8 -15.59 -20.76 -9.92
C ASN A 8 -15.15 -20.31 -8.53
N PRO A 9 -13.84 -20.25 -8.28
CA PRO A 9 -13.35 -19.82 -6.95
C PRO A 9 -13.73 -18.37 -6.62
N VAL A 10 -13.78 -18.09 -5.32
CA VAL A 10 -13.93 -16.72 -4.85
C VAL A 10 -12.63 -16.27 -4.22
N ASP A 11 -12.61 -15.06 -3.68
CA ASP A 11 -11.47 -14.54 -2.92
C ASP A 11 -10.21 -14.44 -3.78
N VAL A 12 -10.42 -14.13 -5.06
CA VAL A 12 -9.27 -13.87 -5.92
C VAL A 12 -8.55 -12.63 -5.37
N LYS A 13 -7.20 -12.66 -5.32
CA LYS A 13 -6.40 -11.51 -4.93
C LYS A 13 -5.11 -11.49 -5.74
N GLY A 14 -4.59 -10.30 -6.01
CA GLY A 14 -3.35 -10.17 -6.78
C GLY A 14 -2.33 -9.18 -6.23
N GLU A 15 -1.42 -9.66 -5.36
CA GLU A 15 -0.50 -8.80 -4.63
C GLU A 15 0.88 -9.46 -4.55
N GLY A 16 1.92 -8.73 -4.93
CA GLY A 16 3.27 -9.26 -4.89
C GLY A 16 4.01 -8.93 -3.60
N ASN A 17 4.97 -9.78 -3.25
CA ASN A 17 5.91 -9.50 -2.16
C ASN A 17 7.19 -8.83 -2.64
N GLU A 18 7.38 -8.71 -3.95
CA GLU A 18 8.50 -8.01 -4.55
C GLU A 18 7.96 -7.18 -5.70
N THR A 19 8.57 -6.02 -5.93
CA THR A 19 8.10 -5.18 -7.02
C THR A 19 8.29 -5.84 -8.39
N THR A 20 8.91 -7.01 -8.46
CA THR A 20 9.02 -7.71 -9.73
C THR A 20 8.02 -8.86 -9.88
N ASN A 21 7.11 -9.07 -8.92
CA ASN A 21 6.19 -10.19 -9.01
C ASN A 21 4.80 -9.76 -8.57
N MET A 22 3.82 -10.61 -8.82
CA MET A 22 2.46 -10.45 -8.31
C MET A 22 1.94 -11.84 -7.98
N VAL A 23 1.83 -12.16 -6.70
CA VAL A 23 1.22 -13.44 -6.35
C VAL A 23 -0.28 -13.30 -6.48
N ILE A 24 -0.89 -14.23 -7.21
CA ILE A 24 -2.34 -14.35 -7.33
C ILE A 24 -2.75 -15.48 -6.42
N THR A 25 -3.89 -15.33 -5.75
CA THR A 25 -4.45 -16.37 -4.89
C THR A 25 -5.96 -16.47 -5.03
N TRP A 26 -6.51 -17.63 -4.64
CA TRP A 26 -7.96 -17.83 -4.59
C TRP A 26 -8.27 -18.88 -3.53
N LYS A 27 -9.57 -19.01 -3.19
CA LYS A 27 -10.04 -20.06 -2.25
C LYS A 27 -10.30 -21.38 -2.96
N PRO A 28 -9.55 -22.44 -2.65
CA PRO A 28 -9.80 -23.74 -3.28
C PRO A 28 -11.26 -24.13 -3.17
N LEU A 29 -11.77 -24.72 -4.24
CA LEU A 29 -13.18 -25.04 -4.30
C LEU A 29 -13.54 -26.20 -3.40
N ARG A 30 -14.72 -26.11 -2.79
CA ARG A 30 -15.20 -27.23 -2.00
C ARG A 30 -15.40 -28.43 -2.93
N TRP A 31 -15.03 -29.63 -2.44
CA TRP A 31 -15.03 -30.82 -3.31
C TRP A 31 -16.41 -31.13 -3.90
N MET A 32 -17.47 -30.78 -3.19
CA MET A 32 -18.84 -30.85 -3.67
C MET A 32 -19.06 -30.05 -4.95
N ASP A 33 -18.23 -29.03 -5.21
CA ASP A 33 -18.28 -28.16 -6.39
C ASP A 33 -17.37 -28.62 -7.53
N TRP A 34 -16.59 -29.69 -7.36
CA TRP A 34 -15.70 -30.15 -8.42
C TRP A 34 -16.44 -30.87 -9.54
N ASN A 35 -17.30 -31.84 -9.17
CA ASN A 35 -18.02 -32.71 -10.12
C ASN A 35 -17.09 -33.67 -10.88
N ALA A 36 -15.97 -33.99 -10.27
CA ALA A 36 -14.96 -34.88 -10.83
C ALA A 36 -13.98 -35.16 -9.71
N PRO A 37 -13.10 -36.16 -9.86
CA PRO A 37 -12.18 -36.47 -8.75
C PRO A 37 -10.94 -35.59 -8.70
N GLN A 38 -10.76 -34.68 -9.65
CA GLN A 38 -9.58 -33.81 -9.73
C GLN A 38 -10.02 -32.52 -10.39
N VAL A 39 -9.42 -31.40 -9.99
CA VAL A 39 -9.84 -30.10 -10.55
C VAL A 39 -8.65 -29.16 -10.61
N GLN A 40 -8.57 -28.43 -11.72
CA GLN A 40 -7.54 -27.44 -11.97
C GLN A 40 -8.15 -26.03 -12.04
N TYR A 41 -7.26 -25.05 -12.06
CA TYR A 41 -7.65 -23.65 -12.08
C TYR A 41 -7.06 -23.00 -13.32
N ARG A 42 -7.95 -22.47 -14.15
CA ARG A 42 -7.57 -21.72 -15.33
C ARG A 42 -7.37 -20.25 -14.89
N VAL A 43 -6.15 -19.75 -15.04
CA VAL A 43 -5.72 -18.44 -14.58
C VAL A 43 -5.29 -17.62 -15.79
N GLN A 44 -6.07 -16.62 -16.14
CA GLN A 44 -5.75 -15.64 -17.16
C GLN A 44 -5.48 -14.30 -16.50
N TRP A 45 -4.49 -13.56 -17.04
CA TRP A 45 -4.07 -12.29 -16.47
C TRP A 45 -3.40 -11.47 -17.57
N ARG A 46 -3.54 -10.14 -17.43
CA ARG A 46 -2.89 -9.17 -18.30
C ARG A 46 -2.82 -7.87 -17.54
N PRO A 47 -1.86 -7.00 -17.85
CA PRO A 47 -1.84 -5.67 -17.22
C PRO A 47 -3.07 -4.85 -17.58
N GLN A 48 -3.49 -4.01 -16.65
CA GLN A 48 -4.53 -3.01 -16.92
C GLN A 48 -3.86 -1.75 -17.42
N GLY A 49 -4.17 -1.37 -18.65
CA GLY A 49 -3.49 -0.27 -19.30
C GLY A 49 -2.99 -0.76 -20.63
N THR A 50 -2.28 -1.87 -20.61
CA THR A 50 -1.68 -2.38 -21.84
C THR A 50 -2.68 -3.21 -22.65
N ARG A 51 -3.32 -4.19 -22.02
CA ARG A 51 -4.49 -4.87 -22.60
C ARG A 51 -4.12 -5.65 -23.85
N GLY A 52 -2.92 -6.21 -23.86
CA GLY A 52 -2.50 -7.07 -24.94
C GLY A 52 -3.27 -8.36 -24.92
N PRO A 53 -2.64 -9.47 -25.31
CA PRO A 53 -3.29 -10.77 -25.14
C PRO A 53 -3.34 -11.11 -23.66
N TRP A 54 -4.25 -12.00 -23.31
CA TRP A 54 -4.21 -12.55 -21.97
C TRP A 54 -3.08 -13.55 -21.89
N GLN A 55 -2.16 -13.38 -20.92
CA GLN A 55 -1.35 -14.52 -20.49
C GLN A 55 -2.23 -15.55 -19.79
N GLU A 56 -1.87 -16.83 -19.89
CA GLU A 56 -2.76 -17.85 -19.36
C GLU A 56 -1.95 -19.03 -18.80
N GLN A 57 -2.45 -19.62 -17.69
CA GLN A 57 -1.76 -20.79 -17.15
C GLN A 57 -2.72 -21.61 -16.30
N ILE A 58 -2.64 -22.94 -16.43
CA ILE A 58 -3.55 -23.87 -15.74
C ILE A 58 -2.76 -24.58 -14.66
N VAL A 59 -2.96 -24.20 -13.41
CA VAL A 59 -2.24 -24.86 -12.33
C VAL A 59 -3.26 -25.49 -11.40
N SER A 60 -2.79 -26.47 -10.64
CA SER A 60 -3.66 -27.23 -9.74
C SER A 60 -3.66 -26.66 -8.33
N ASP A 61 -2.61 -25.90 -7.98
CA ASP A 61 -2.52 -25.30 -6.66
C ASP A 61 -3.29 -23.98 -6.63
N PRO A 62 -3.77 -23.59 -5.46
CA PRO A 62 -4.58 -22.37 -5.35
C PRO A 62 -3.79 -21.08 -5.50
N PHE A 63 -2.67 -21.09 -6.19
CA PHE A 63 -1.92 -19.86 -6.31
C PHE A 63 -1.06 -19.90 -7.56
N LEU A 64 -0.69 -18.72 -8.03
CA LEU A 64 0.17 -18.60 -9.20
C LEU A 64 1.08 -17.41 -9.04
N VAL A 65 2.39 -17.64 -9.10
CA VAL A 65 3.34 -16.54 -9.06
C VAL A 65 3.55 -16.04 -10.48
N VAL A 66 3.10 -14.79 -10.71
CA VAL A 66 3.41 -14.01 -11.90
C VAL A 66 4.71 -13.28 -11.65
N SER A 67 5.66 -13.45 -12.54
CA SER A 67 6.97 -12.83 -12.45
C SER A 67 7.17 -11.81 -13.56
N ASN A 68 8.42 -11.36 -13.69
CA ASN A 68 8.87 -10.36 -14.64
C ASN A 68 7.85 -9.24 -14.81
N THR A 69 7.52 -8.50 -13.75
CA THR A 69 6.55 -7.42 -13.85
C THR A 69 7.24 -6.07 -13.72
N SER A 70 6.44 -5.02 -13.90
CA SER A 70 6.84 -3.67 -13.53
C SER A 70 6.48 -3.42 -12.07
N THR A 71 7.05 -2.37 -11.52
CA THR A 71 6.80 -2.06 -10.12
C THR A 71 5.39 -1.48 -9.97
N PHE A 72 4.61 -2.01 -9.01
CA PHE A 72 3.24 -1.59 -8.72
C PHE A 72 2.42 -1.13 -9.92
N VAL A 73 1.82 -2.07 -10.63
CA VAL A 73 0.98 -1.77 -11.78
C VAL A 73 -0.22 -2.71 -11.73
N PRO A 74 -1.41 -2.25 -12.10
CA PRO A 74 -2.60 -3.13 -11.98
C PRO A 74 -2.71 -4.10 -13.15
N TYR A 75 -3.13 -5.34 -12.81
CA TYR A 75 -3.44 -6.39 -13.76
C TYR A 75 -4.89 -6.83 -13.64
N GLU A 76 -5.49 -7.15 -14.77
CA GLU A 76 -6.78 -7.82 -14.75
C GLU A 76 -6.56 -9.32 -14.49
N ILE A 77 -7.44 -9.93 -13.69
CA ILE A 77 -7.26 -11.29 -13.21
C ILE A 77 -8.58 -12.04 -13.28
N LYS A 78 -8.54 -13.26 -13.81
CA LYS A 78 -9.68 -14.14 -13.92
C LYS A 78 -9.23 -15.54 -13.52
N VAL A 79 -10.06 -16.23 -12.74
CA VAL A 79 -9.77 -17.59 -12.29
C VAL A 79 -10.98 -18.45 -12.58
N GLN A 80 -10.79 -19.56 -13.27
CA GLN A 80 -11.90 -20.38 -13.72
C GLN A 80 -11.59 -21.85 -13.50
N ALA A 81 -12.43 -22.50 -12.73
CA ALA A 81 -12.23 -23.90 -12.50
C ALA A 81 -12.43 -24.67 -13.82
N VAL A 82 -11.77 -25.82 -13.90
CA VAL A 82 -11.73 -26.64 -15.10
C VAL A 82 -11.44 -28.05 -14.63
N ASN A 83 -12.00 -29.03 -15.35
CA ASN A 83 -11.81 -30.46 -15.06
C ASN A 83 -11.82 -31.22 -16.38
N SER A 84 -12.13 -32.51 -16.33
CA SER A 84 -12.21 -33.31 -17.56
C SER A 84 -13.43 -32.95 -18.40
N GLN A 85 -14.50 -32.48 -17.77
CA GLN A 85 -15.81 -32.36 -18.42
C GLN A 85 -16.03 -30.98 -19.01
N GLY A 86 -15.16 -30.05 -18.71
CA GLY A 86 -15.24 -28.72 -19.27
C GLY A 86 -14.72 -27.70 -18.27
N LYS A 87 -15.37 -26.53 -18.32
CA LYS A 87 -15.04 -25.34 -17.55
C LYS A 87 -16.28 -24.84 -16.81
N GLY A 88 -16.04 -24.06 -15.77
CA GLY A 88 -17.09 -23.41 -15.05
C GLY A 88 -17.59 -22.23 -15.84
N PRO A 89 -18.51 -21.46 -15.26
CA PRO A 89 -18.97 -20.25 -15.92
C PRO A 89 -17.80 -19.33 -16.22
N GLU A 90 -18.01 -18.40 -17.15
CA GLU A 90 -16.97 -17.41 -17.36
C GLU A 90 -16.60 -16.86 -15.99
N PRO A 91 -15.31 -16.66 -15.72
CA PRO A 91 -14.92 -15.97 -14.50
C PRO A 91 -15.36 -14.52 -14.50
N GLN A 92 -15.43 -13.99 -13.30
CA GLN A 92 -15.61 -12.58 -13.07
C GLN A 92 -14.22 -11.95 -12.97
N VAL A 93 -14.11 -10.68 -13.41
CA VAL A 93 -12.81 -10.01 -13.45
C VAL A 93 -12.53 -9.30 -12.13
N THR A 94 -11.32 -9.53 -11.63
CA THR A 94 -10.79 -8.85 -10.47
C THR A 94 -9.52 -8.11 -10.87
N ILE A 95 -9.13 -7.17 -10.02
CA ILE A 95 -7.96 -6.34 -10.24
C ILE A 95 -6.96 -6.71 -9.16
N GLY A 96 -5.68 -6.64 -9.51
CA GLY A 96 -4.62 -6.97 -8.57
C GLY A 96 -3.33 -6.34 -9.03
N TYR A 97 -2.50 -5.98 -8.06
CA TYR A 97 -1.31 -5.19 -8.32
C TYR A 97 -0.05 -6.01 -8.08
N SER A 98 1.02 -5.63 -8.79
CA SER A 98 2.35 -6.13 -8.51
C SER A 98 2.87 -5.56 -7.18
N GLY A 99 4.10 -5.94 -6.83
CA GLY A 99 4.63 -5.57 -5.53
C GLY A 99 4.70 -4.06 -5.34
N GLU A 100 4.74 -3.66 -4.07
CA GLU A 100 4.85 -2.25 -3.75
C GLU A 100 6.31 -1.87 -3.57
N ASP A 101 6.59 -0.58 -3.74
CA ASP A 101 7.94 -0.04 -3.63
C ASP A 101 7.89 1.30 -2.89
N TYR A 102 9.06 1.74 -2.42
CA TYR A 102 9.18 3.01 -1.69
C TYR A 102 8.54 4.17 -2.44
N PRO A 103 8.04 5.17 -1.73
CA PRO A 103 7.34 6.29 -2.38
C PRO A 103 8.27 7.37 -2.91
N GLN A 104 7.85 7.98 -4.02
CA GLN A 104 8.63 9.02 -4.68
C GLN A 104 8.19 10.41 -4.27
N ALA A 105 6.92 10.54 -3.87
CA ALA A 105 6.33 11.81 -3.50
C ALA A 105 6.92 12.35 -2.20
N ILE A 106 7.38 13.59 -2.25
CA ILE A 106 7.65 14.36 -1.03
C ILE A 106 6.37 15.17 -0.77
N PRO A 107 5.99 15.39 0.47
CA PRO A 107 4.76 16.16 0.73
C PRO A 107 4.98 17.67 0.79
N GLU A 108 4.18 18.41 0.02
CA GLU A 108 4.27 19.87 -0.06
C GLU A 108 3.48 20.53 1.05
N LEU A 109 4.05 21.57 1.65
CA LEU A 109 3.43 22.31 2.74
C LEU A 109 2.28 23.20 2.24
N GLU A 110 1.28 23.35 3.09
CA GLU A 110 0.17 24.27 2.85
C GLU A 110 0.28 25.48 3.75
N GLY A 111 0.53 25.23 5.03
CA GLY A 111 0.74 26.23 6.05
C GLY A 111 0.97 25.53 7.38
N ILE A 112 1.61 26.20 8.33
CA ILE A 112 1.81 25.68 9.69
C ILE A 112 1.25 26.74 10.60
N GLU A 113 0.16 26.42 11.31
CA GLU A 113 -0.57 27.40 12.08
C GLU A 113 -0.21 27.32 13.56
N ILE A 114 0.35 28.39 14.10
CA ILE A 114 0.72 28.42 15.52
C ILE A 114 -0.48 28.78 16.38
N LEU A 115 -0.90 27.83 17.22
CA LEU A 115 -2.10 27.87 18.05
C LEU A 115 -1.82 28.41 19.45
N ASN A 116 -0.82 27.86 20.14
CA ASN A 116 -0.52 28.25 21.49
C ASN A 116 0.98 28.41 21.58
N SER A 117 1.45 28.62 22.80
CA SER A 117 2.81 28.29 23.15
C SER A 117 3.04 26.80 23.27
N SER A 118 2.08 25.97 22.85
CA SER A 118 2.15 24.54 23.12
C SER A 118 1.52 23.67 22.05
N ALA A 119 0.91 24.22 21.00
CA ALA A 119 0.27 23.41 19.97
C ALA A 119 0.35 24.11 18.63
N VAL A 120 0.41 23.31 17.56
CA VAL A 120 0.47 23.83 16.20
C VAL A 120 -0.22 22.84 15.27
N LEU A 121 -0.84 23.36 14.20
CA LEU A 121 -1.61 22.59 13.24
C LEU A 121 -0.84 22.56 11.92
N VAL A 122 -0.19 21.43 11.64
CA VAL A 122 0.62 21.27 10.43
C VAL A 122 -0.29 20.82 9.30
N LYS A 123 -0.25 21.52 8.18
CA LYS A 123 -1.20 21.24 7.10
C LYS A 123 -0.37 21.06 5.85
N TRP A 124 -0.39 19.86 5.27
CA TRP A 124 0.27 19.57 4.01
C TRP A 124 -0.78 19.26 2.94
N ARG A 125 -0.31 19.16 1.70
CA ARG A 125 -1.14 18.82 0.55
C ARG A 125 -1.20 17.30 0.36
N PRO A 126 -2.31 16.78 -0.17
CA PRO A 126 -2.34 15.37 -0.58
C PRO A 126 -1.32 15.12 -1.66
N VAL A 127 -0.64 13.98 -1.56
CA VAL A 127 0.43 13.64 -2.49
C VAL A 127 -0.17 13.02 -3.74
N ASP A 128 0.50 13.25 -4.86
CA ASP A 128 0.08 12.60 -6.10
C ASP A 128 0.19 11.10 -5.94
N LEU A 129 -0.96 10.41 -6.02
CA LEU A 129 -0.94 8.96 -5.84
C LEU A 129 -0.06 8.26 -6.87
N ALA A 130 -0.06 8.73 -8.13
CA ALA A 130 0.77 8.11 -9.17
C ALA A 130 2.25 8.08 -8.81
N GLN A 131 2.70 8.92 -7.87
CA GLN A 131 4.08 8.92 -7.41
C GLN A 131 4.30 8.05 -6.17
N VAL A 132 3.23 7.50 -5.59
CA VAL A 132 3.40 6.71 -4.38
C VAL A 132 4.00 5.36 -4.71
N LYS A 133 3.65 4.82 -5.87
CA LYS A 133 4.11 3.51 -6.27
C LYS A 133 3.61 2.48 -5.27
N GLY A 134 2.37 2.65 -4.83
CA GLY A 134 1.78 1.72 -3.88
C GLY A 134 0.41 2.20 -3.45
N HIS A 135 -0.13 1.51 -2.44
CA HIS A 135 -1.36 1.92 -1.79
C HIS A 135 -0.97 2.93 -0.71
N LEU A 136 -1.46 4.19 -0.83
CA LEU A 136 -1.19 5.21 0.17
C LEU A 136 -1.82 4.78 1.48
N ARG A 137 -1.00 4.51 2.51
CA ARG A 137 -1.54 4.06 3.80
C ARG A 137 -1.70 5.20 4.82
N GLY A 138 -0.76 6.13 4.87
CA GLY A 138 -0.90 7.23 5.80
C GLY A 138 0.12 8.31 5.52
N TYR A 139 0.29 9.18 6.49
CA TYR A 139 1.35 10.17 6.41
C TYR A 139 2.09 10.16 7.75
N ASN A 140 3.34 10.60 7.70
CA ASN A 140 4.27 10.38 8.80
C ASN A 140 4.91 11.72 9.11
N VAL A 141 4.76 12.17 10.36
CA VAL A 141 5.13 13.53 10.76
C VAL A 141 6.07 13.40 11.93
N THR A 142 7.36 13.64 11.70
CA THR A 142 8.41 13.49 12.72
C THR A 142 8.93 14.86 13.15
N TYR A 143 8.77 15.19 14.44
CA TYR A 143 9.20 16.49 14.94
C TYR A 143 10.12 16.34 16.15
N TRP A 144 11.07 17.26 16.27
CA TRP A 144 11.96 17.22 17.42
C TRP A 144 12.34 18.63 17.82
N ARG A 145 12.85 18.78 19.05
CA ARG A 145 13.14 20.10 19.64
C ARG A 145 14.53 20.58 19.24
N GLU A 146 14.96 21.70 19.83
CA GLU A 146 16.30 22.25 19.57
C GLU A 146 17.39 21.21 19.77
N GLY A 147 17.39 20.55 20.94
CA GLY A 147 18.26 19.43 21.24
C GLY A 147 19.43 19.77 22.16
N SER A 148 19.24 20.74 23.07
CA SER A 148 20.35 21.31 23.84
C SER A 148 21.16 20.24 24.58
N GLN A 149 20.48 19.36 25.32
CA GLN A 149 21.19 18.31 26.04
C GLN A 149 21.28 17.03 25.20
N ARG A 150 22.36 16.30 25.47
CA ARG A 150 22.81 15.19 24.65
C ARG A 150 23.75 14.33 25.47
N LYS A 151 23.18 13.56 26.39
CA LYS A 151 23.93 12.73 27.30
C LYS A 151 23.61 11.25 27.14
N HIS A 152 22.72 10.92 26.22
CA HIS A 152 22.27 9.54 26.02
C HIS A 152 22.44 9.22 24.54
N SER A 153 22.13 7.98 24.12
CA SER A 153 22.42 7.51 22.76
C SER A 153 21.28 6.70 22.12
N LYS A 154 20.97 5.52 22.68
CA LYS A 154 19.88 4.66 22.21
C LYS A 154 18.55 5.40 22.05
N ARG A 155 18.40 6.55 22.74
CA ARG A 155 17.20 7.38 22.84
C ARG A 155 17.57 8.83 23.20
N HIS A 156 18.52 9.43 22.46
CA HIS A 156 18.89 10.82 22.71
C HIS A 156 18.10 11.75 21.80
N ILE A 157 17.75 12.92 22.35
CA ILE A 157 16.82 13.89 21.77
C ILE A 157 15.74 13.13 20.98
N HIS A 158 14.87 12.43 21.71
CA HIS A 158 13.86 11.56 21.11
C HIS A 158 13.08 12.28 20.02
N LYS A 159 13.14 11.75 18.80
CA LYS A 159 12.39 12.32 17.68
C LYS A 159 10.99 11.72 17.73
N ASP A 160 10.06 12.48 18.32
CA ASP A 160 8.67 12.05 18.36
C ASP A 160 8.06 12.06 16.97
N HIS A 161 6.90 11.43 16.85
CA HIS A 161 6.25 11.36 15.55
C HIS A 161 4.80 10.95 15.70
N VAL A 162 4.03 11.31 14.69
CA VAL A 162 2.60 11.12 14.59
C VAL A 162 2.32 10.33 13.33
N VAL A 163 1.42 9.37 13.40
CA VAL A 163 0.97 8.62 12.24
C VAL A 163 -0.53 8.87 12.09
N VAL A 164 -0.92 9.34 10.92
CA VAL A 164 -2.33 9.61 10.64
C VAL A 164 -2.71 8.86 9.38
N PRO A 165 -4.00 8.55 9.21
CA PRO A 165 -4.44 7.91 7.96
C PRO A 165 -4.11 8.76 6.73
N ALA A 166 -4.20 8.08 5.57
CA ALA A 166 -3.84 8.69 4.31
C ALA A 166 -4.86 9.71 3.82
N ASN A 167 -5.99 9.86 4.49
CA ASN A 167 -6.98 10.81 4.01
C ASN A 167 -7.24 11.92 5.02
N THR A 168 -6.30 12.14 5.92
CA THR A 168 -6.26 13.33 6.75
C THR A 168 -5.03 14.11 6.31
N THR A 169 -5.21 15.37 5.90
CA THR A 169 -4.11 16.17 5.41
C THR A 169 -3.70 17.27 6.39
N SER A 170 -4.09 17.16 7.66
CA SER A 170 -3.52 17.95 8.73
C SER A 170 -3.47 17.13 10.01
N VAL A 171 -2.66 17.62 10.95
CA VAL A 171 -2.61 17.09 12.30
C VAL A 171 -2.26 18.24 13.25
N ILE A 172 -2.81 18.19 14.47
CA ILE A 172 -2.34 19.00 15.58
C ILE A 172 -1.25 18.24 16.34
N LEU A 173 -0.20 18.98 16.75
CA LEU A 173 0.92 18.51 17.54
C LEU A 173 0.97 19.30 18.85
N SER A 174 0.47 18.72 19.95
CA SER A 174 0.45 19.41 21.23
C SER A 174 1.70 19.08 22.05
N GLY A 175 1.60 19.30 23.37
CA GLY A 175 2.67 18.95 24.29
C GLY A 175 4.01 19.60 24.04
N LEU A 176 4.02 20.74 23.35
CA LEU A 176 5.26 21.40 22.97
C LEU A 176 5.75 22.33 24.07
N ARG A 177 7.06 22.59 24.07
CA ARG A 177 7.65 23.52 25.02
C ARG A 177 7.57 24.95 24.48
N PRO A 178 7.11 25.90 25.29
CA PRO A 178 7.01 27.28 24.80
C PRO A 178 8.39 27.84 24.48
N TYR A 179 8.43 28.72 23.48
CA TYR A 179 9.65 29.43 23.08
C TYR A 179 10.78 28.46 22.78
N SER A 180 10.51 27.56 21.84
CA SER A 180 11.51 26.62 21.42
C SER A 180 11.56 26.57 19.90
N SER A 181 12.60 25.93 19.39
CA SER A 181 12.75 25.66 17.97
C SER A 181 12.52 24.17 17.71
N TYR A 182 11.61 23.88 16.79
CA TYR A 182 11.35 22.53 16.35
C TYR A 182 11.74 22.38 14.89
N HIS A 183 12.26 21.20 14.55
CA HIS A 183 12.30 20.76 13.16
C HIS A 183 11.16 19.80 12.87
N LEU A 184 10.95 19.55 11.59
CA LEU A 184 9.75 18.84 11.15
C LEU A 184 9.99 18.22 9.80
N GLU A 185 9.59 16.94 9.68
CA GLU A 185 9.71 16.14 8.48
C GLU A 185 8.35 15.49 8.22
N VAL A 186 7.93 15.49 6.95
CA VAL A 186 6.65 14.91 6.55
C VAL A 186 6.92 13.94 5.41
N GLN A 187 6.40 12.71 5.54
CA GLN A 187 6.60 11.62 4.60
C GLN A 187 5.28 10.94 4.30
N ALA A 188 5.14 10.49 3.06
CA ALA A 188 4.11 9.53 2.75
C ALA A 188 4.68 8.13 2.94
N PHE A 189 3.79 7.18 3.26
CA PHE A 189 4.20 5.79 3.29
C PHE A 189 3.06 4.92 2.79
N ASN A 190 3.46 3.73 2.33
CA ASN A 190 2.59 2.67 1.85
C ASN A 190 2.93 1.42 2.65
N GLY A 191 2.71 0.24 2.07
CA GLY A 191 3.12 -0.99 2.73
C GLY A 191 4.63 -1.19 2.76
N ARG A 192 5.32 -0.85 1.67
CA ARG A 192 6.75 -1.06 1.61
C ARG A 192 7.42 -0.13 2.64
N GLY A 193 7.50 1.16 2.33
CA GLY A 193 8.13 2.09 3.24
C GLY A 193 7.65 3.54 3.11
N SER A 194 8.44 4.43 3.68
CA SER A 194 8.19 5.87 3.63
C SER A 194 9.06 6.54 2.57
N GLY A 195 8.53 7.62 1.97
CA GLY A 195 9.23 8.36 0.95
C GLY A 195 10.12 9.41 1.58
N PRO A 196 10.87 10.16 0.75
CA PRO A 196 11.79 11.14 1.33
C PRO A 196 10.98 12.14 2.13
N ALA A 197 11.65 12.77 3.08
CA ALA A 197 10.95 13.75 3.92
C ALA A 197 11.14 15.18 3.41
N SER A 198 10.06 15.96 3.46
CA SER A 198 10.18 17.41 3.33
C SER A 198 10.62 18.00 4.66
N GLU A 199 11.37 19.10 4.60
CA GLU A 199 11.97 19.71 5.79
C GLU A 199 11.34 21.06 6.07
N PHE A 200 11.01 21.31 7.35
CA PHE A 200 10.45 22.58 7.81
C PHE A 200 10.86 22.84 9.24
N THR A 201 10.93 24.12 9.61
CA THR A 201 11.11 24.58 10.99
C THR A 201 9.99 25.54 11.39
N PHE A 202 9.73 25.61 12.69
CA PHE A 202 8.78 26.57 13.24
C PHE A 202 9.17 26.83 14.70
N SER A 203 8.49 27.81 15.33
CA SER A 203 8.86 28.37 16.63
C SER A 203 7.62 28.54 17.48
N THR A 204 7.72 28.22 18.79
CA THR A 204 6.55 28.37 19.65
C THR A 204 6.60 29.68 20.44
N PRO A 205 5.43 30.30 20.73
CA PRO A 205 5.42 31.58 21.44
C PRO A 205 6.02 31.49 22.83
N GLU A 206 6.09 32.64 23.52
CA GLU A 206 6.73 32.69 24.84
C GLU A 206 5.89 32.02 25.92
N GLY A 207 4.57 32.00 25.77
CA GLY A 207 3.68 31.42 26.78
C GLY A 207 3.95 31.81 28.22
#